data_4G2B
#
_entry.id   4G2B
#
_cell.length_a   53.818
_cell.length_b   62.506
_cell.length_c   110.099
_cell.angle_alpha   90.00
_cell.angle_beta   90.00
_cell.angle_gamma   90.00
#
_symmetry.space_group_name_H-M   'P 21 21 21'
#
loop_
_entity.id
_entity.type
_entity.pdbx_description
1 polymer 'Secreted effector protein sseI'
2 water water
#
_entity_poly.entity_id   1
_entity_poly.type   'polypeptide(L)'
_entity_poly.pdbx_seq_one_letter_code
;PGVERTDITYNLTSDIDAAAYLEELKQNPIINNKIMNPVGQCESLMTPVSNFMNEKGFDNIRYRGIFIWDKPTEEIPTNH
FAVVGNKEGKDYVFDVSAHQFENRGMSNLNGPLILSADEWVCKYRMATRRKLIYYTDFSNSSIAANAYDALPRELESESM
AGKVFVTSPRWFNTFKKQKYSLIGKM
;
_entity_poly.pdbx_strand_id   A,B
#
# COMPACT_ATOMS: atom_id res chain seq x y z
N THR A 9 -5.88 7.40 -5.85
CA THR A 9 -4.51 6.82 -5.53
C THR A 9 -3.76 6.67 -6.89
N TYR A 10 -2.46 6.99 -6.95
CA TYR A 10 -1.82 7.06 -8.26
C TYR A 10 -1.60 5.67 -8.93
N ASN A 11 -1.60 5.67 -10.25
CA ASN A 11 -1.45 4.45 -11.04
C ASN A 11 -0.07 4.32 -11.71
N LEU A 12 0.66 5.42 -11.81
CA LEU A 12 1.97 5.46 -12.44
C LEU A 12 3.00 5.97 -11.46
N THR A 13 4.11 5.26 -11.36
CA THR A 13 5.17 5.66 -10.46
C THR A 13 5.94 6.83 -11.05
N SER A 14 6.42 7.71 -10.16
CA SER A 14 7.48 8.69 -10.52
C SER A 14 8.91 8.22 -10.26
N ASP A 15 9.11 6.99 -9.79
CA ASP A 15 10.45 6.47 -9.64
C ASP A 15 11.14 6.36 -10.97
N ILE A 16 10.36 6.01 -12.01
CA ILE A 16 10.81 5.97 -13.40
C ILE A 16 9.68 6.73 -14.15
N ASP A 17 9.86 6.93 -15.45
CA ASP A 17 8.93 7.72 -16.24
C ASP A 17 7.87 6.82 -16.82
N ALA A 18 7.02 6.38 -15.91
CA ALA A 18 5.98 5.43 -16.17
C ALA A 18 4.98 6.10 -17.12
N ALA A 19 4.76 7.42 -16.90
CA ALA A 19 3.84 8.21 -17.77
C ALA A 19 4.28 8.04 -19.23
N ALA A 20 5.57 8.20 -19.51
CA ALA A 20 6.08 8.03 -20.89
C ALA A 20 6.07 6.58 -21.34
N TYR A 21 6.30 5.63 -20.44
CA TYR A 21 6.20 4.24 -20.86
C TYR A 21 4.76 3.92 -21.23
N LEU A 22 3.83 4.42 -20.44
CA LEU A 22 2.44 4.15 -20.69
C LEU A 22 1.98 4.68 -22.04
N GLU A 23 2.42 5.88 -22.29
CA GLU A 23 2.07 6.56 -23.49
C GLU A 23 2.68 5.85 -24.72
N GLU A 24 3.93 5.34 -24.58
CA GLU A 24 4.50 4.62 -25.68
C GLU A 24 3.78 3.29 -25.90
N LEU A 25 3.32 2.65 -24.83
CA LEU A 25 2.58 1.41 -24.99
C LEU A 25 1.28 1.68 -25.69
N LYS A 26 0.62 2.77 -25.32
CA LYS A 26 -0.63 3.18 -25.93
C LYS A 26 -0.52 3.62 -27.37
N GLN A 27 0.69 3.96 -27.80
CA GLN A 27 0.98 4.19 -29.18
C GLN A 27 0.89 2.95 -30.09
N ASN A 28 0.91 1.76 -29.51
CA ASN A 28 0.85 0.53 -30.28
C ASN A 28 -0.61 0.16 -30.34
N PRO A 29 -1.18 0.04 -31.57
CA PRO A 29 -2.65 -0.16 -31.61
C PRO A 29 -3.13 -1.49 -31.01
N ILE A 30 -2.29 -2.48 -31.04
CA ILE A 30 -2.70 -3.77 -30.48
C ILE A 30 -2.75 -3.65 -28.97
N ILE A 31 -1.73 -3.05 -28.39
CA ILE A 31 -1.75 -2.82 -26.95
C ILE A 31 -2.82 -1.81 -26.56
N ASN A 32 -2.95 -0.72 -27.31
CA ASN A 32 -4.03 0.28 -27.00
C ASN A 32 -5.40 -0.40 -26.88
N ASN A 33 -5.72 -1.23 -27.87
CA ASN A 33 -7.00 -1.96 -27.88
C ASN A 33 -7.22 -2.76 -26.64
N LYS A 34 -6.17 -3.42 -26.17
CA LYS A 34 -6.29 -4.29 -24.97
C LYS A 34 -6.37 -3.53 -23.66
N ILE A 35 -5.71 -2.37 -23.59
CA ILE A 35 -5.85 -1.43 -22.46
C ILE A 35 -7.23 -0.77 -22.42
N MET A 36 -7.80 -0.43 -23.58
CA MET A 36 -9.12 0.12 -23.57
C MET A 36 -10.14 -0.98 -23.22
N ASN A 37 -9.89 -2.21 -23.64
CA ASN A 37 -10.80 -3.38 -23.37
C ASN A 37 -10.09 -4.48 -22.61
N PRO A 38 -9.77 -4.23 -21.35
CA PRO A 38 -8.84 -5.07 -20.62
C PRO A 38 -9.36 -6.41 -20.17
N VAL A 39 -10.68 -6.60 -20.12
CA VAL A 39 -11.20 -7.84 -19.58
C VAL A 39 -10.67 -9.02 -20.38
N GLY A 40 -9.96 -9.91 -19.70
CA GLY A 40 -9.49 -11.14 -20.30
C GLY A 40 -8.22 -10.97 -21.11
N GLN A 41 -7.58 -9.83 -21.00
CA GLN A 41 -6.46 -9.54 -21.88
C GLN A 41 -5.13 -9.80 -21.25
N CYS A 42 -5.11 -9.86 -19.93
CA CYS A 42 -3.85 -9.79 -19.23
C CYS A 42 -2.97 -10.96 -19.71
N GLU A 43 -3.51 -12.15 -19.96
CA GLU A 43 -2.63 -13.25 -20.46
C GLU A 43 -1.93 -12.91 -21.77
N SER A 44 -2.70 -12.47 -22.75
CA SER A 44 -2.13 -12.16 -24.07
C SER A 44 -1.23 -10.94 -24.04
N LEU A 45 -1.39 -10.13 -22.99
CA LEU A 45 -0.58 -8.93 -22.86
C LEU A 45 0.81 -9.22 -22.35
N MET A 46 1.02 -10.38 -21.70
CA MET A 46 2.33 -10.57 -21.10
C MET A 46 3.47 -10.42 -22.09
N THR A 47 3.33 -11.00 -23.29
CA THR A 47 4.53 -11.04 -24.23
C THR A 47 4.76 -9.68 -24.82
N PRO A 48 3.71 -9.07 -25.34
CA PRO A 48 3.96 -7.74 -25.87
C PRO A 48 4.50 -6.78 -24.85
N VAL A 49 4.00 -6.83 -23.61
CA VAL A 49 4.53 -5.89 -22.59
C VAL A 49 5.99 -6.21 -22.24
N SER A 50 6.20 -7.48 -22.07
CA SER A 50 7.53 -7.99 -21.78
C SER A 50 8.57 -7.55 -22.88
N ASN A 51 8.17 -7.69 -24.15
CA ASN A 51 8.99 -7.28 -25.29
C ASN A 51 9.27 -5.79 -25.23
N PHE A 52 8.24 -5.00 -24.92
CA PHE A 52 8.42 -3.56 -24.70
C PHE A 52 9.41 -3.24 -23.60
N MET A 53 9.20 -3.83 -22.42
CA MET A 53 10.12 -3.59 -21.33
C MET A 53 11.58 -4.00 -21.69
N ASN A 54 11.71 -5.20 -22.22
CA ASN A 54 13.00 -5.67 -22.75
C ASN A 54 13.66 -4.58 -23.65
N GLU A 55 12.92 -4.12 -24.66
CA GLU A 55 13.38 -3.04 -25.54
C GLU A 55 13.74 -1.78 -24.75
N LYS A 56 12.99 -1.50 -23.70
CA LYS A 56 13.29 -0.29 -22.94
C LYS A 56 14.40 -0.47 -21.93
N GLY A 57 14.97 -1.67 -21.83
CA GLY A 57 16.15 -1.87 -20.99
C GLY A 57 15.88 -2.45 -19.61
N PHE A 58 14.67 -2.91 -19.35
CA PHE A 58 14.45 -3.62 -18.12
C PHE A 58 15.11 -4.97 -18.26
N ASP A 59 15.73 -5.45 -17.19
CA ASP A 59 16.12 -6.87 -17.16
C ASP A 59 15.44 -7.73 -16.11
N ASN A 60 15.88 -8.97 -16.10
CA ASN A 60 15.28 -9.95 -15.23
C ASN A 60 13.75 -9.87 -15.31
N ILE A 61 13.24 -10.00 -16.52
CA ILE A 61 11.81 -9.95 -16.74
C ILE A 61 11.18 -11.24 -16.19
N ARG A 62 10.15 -11.07 -15.39
CA ARG A 62 9.36 -12.21 -14.97
C ARG A 62 7.89 -11.92 -15.23
N TYR A 63 7.14 -13.02 -15.16
CA TYR A 63 5.74 -13.07 -15.36
C TYR A 63 5.04 -13.46 -14.06
N ARG A 64 4.16 -12.56 -13.62
CA ARG A 64 3.54 -12.65 -12.38
C ARG A 64 2.19 -13.24 -12.63
N GLY A 65 1.92 -14.44 -12.10
CA GLY A 65 0.60 -15.04 -12.07
C GLY A 65 -0.03 -14.77 -10.74
N ILE A 66 -1.32 -14.46 -10.75
CA ILE A 66 -2.03 -13.95 -9.57
C ILE A 66 -3.35 -14.63 -9.46
N PHE A 67 -3.68 -15.10 -8.26
CA PHE A 67 -5.06 -15.48 -7.93
C PHE A 67 -5.72 -14.48 -6.97
N ILE A 68 -7.00 -14.22 -7.22
CA ILE A 68 -7.87 -13.52 -6.29
C ILE A 68 -9.03 -14.45 -5.91
N TRP A 69 -9.08 -14.80 -4.65
CA TRP A 69 -10.07 -15.68 -4.05
C TRP A 69 -11.09 -14.85 -3.23
N ASP A 70 -12.38 -15.12 -3.48
CA ASP A 70 -13.45 -14.41 -2.76
C ASP A 70 -13.82 -15.11 -1.50
N LYS A 71 -13.68 -16.44 -1.49
CA LYS A 71 -13.99 -17.27 -0.32
C LYS A 71 -13.41 -18.66 -0.54
N PRO A 72 -13.40 -19.47 0.52
CA PRO A 72 -12.71 -20.75 0.44
C PRO A 72 -13.38 -21.77 -0.45
N THR A 73 -14.65 -21.57 -0.73
CA THR A 73 -15.47 -22.56 -1.42
C THR A 73 -15.68 -22.16 -2.90
N GLU A 74 -15.10 -21.04 -3.29
CA GLU A 74 -15.15 -20.58 -4.68
C GLU A 74 -14.62 -21.65 -5.59
N GLU A 75 -15.33 -21.91 -6.69
CA GLU A 75 -14.94 -23.01 -7.56
C GLU A 75 -13.66 -22.77 -8.34
N ILE A 76 -13.57 -21.57 -8.92
CA ILE A 76 -12.43 -21.12 -9.73
C ILE A 76 -12.06 -19.73 -9.23
N PRO A 77 -10.80 -19.53 -8.88
CA PRO A 77 -10.46 -18.19 -8.46
C PRO A 77 -10.34 -17.34 -9.70
N THR A 78 -10.33 -16.04 -9.51
CA THR A 78 -10.07 -15.13 -10.61
C THR A 78 -8.58 -15.07 -10.75
N ASN A 79 -8.09 -15.07 -11.96
CA ASN A 79 -6.64 -14.96 -12.20
C ASN A 79 -6.30 -13.65 -12.83
N HIS A 80 -5.02 -13.32 -12.85
CA HIS A 80 -4.55 -12.12 -13.45
C HIS A 80 -3.05 -12.28 -13.71
N PHE A 81 -2.51 -11.45 -14.61
CA PHE A 81 -1.12 -11.51 -14.94
C PHE A 81 -0.57 -10.08 -15.10
N ALA A 82 0.67 -9.91 -14.70
CA ALA A 82 1.42 -8.65 -14.86
C ALA A 82 2.84 -9.02 -15.20
N VAL A 83 3.67 -8.04 -15.52
CA VAL A 83 5.06 -8.35 -15.88
C VAL A 83 5.97 -7.54 -14.97
N VAL A 84 7.04 -8.18 -14.50
CA VAL A 84 8.02 -7.58 -13.59
C VAL A 84 9.34 -7.45 -14.32
N GLY A 85 9.98 -6.30 -14.19
CA GLY A 85 11.34 -6.12 -14.73
C GLY A 85 12.12 -5.17 -13.85
N ASN A 86 13.42 -5.26 -13.92
CA ASN A 86 14.34 -4.48 -13.05
C ASN A 86 14.99 -3.34 -13.87
N LYS A 87 15.05 -2.16 -13.30
CA LYS A 87 15.60 -1.01 -13.99
C LYS A 87 16.39 -0.32 -12.93
N GLU A 88 17.67 -0.12 -13.24
CA GLU A 88 18.61 0.39 -12.28
C GLU A 88 18.44 -0.10 -10.87
N GLY A 89 18.39 -1.41 -10.78
CA GLY A 89 18.36 -2.13 -9.54
C GLY A 89 17.00 -2.38 -8.92
N LYS A 90 15.95 -1.67 -9.35
CA LYS A 90 14.65 -1.77 -8.70
C LYS A 90 13.62 -2.47 -9.60
N ASP A 91 12.74 -3.25 -8.98
CA ASP A 91 11.64 -3.91 -9.66
C ASP A 91 10.42 -3.00 -9.87
N TYR A 92 9.88 -3.07 -11.10
CA TYR A 92 8.70 -2.38 -11.55
C TYR A 92 7.71 -3.39 -12.12
N VAL A 93 6.43 -3.19 -11.83
CA VAL A 93 5.41 -4.09 -12.30
C VAL A 93 4.60 -3.30 -13.34
N PHE A 94 4.54 -3.85 -14.54
CA PHE A 94 3.68 -3.37 -15.62
C PHE A 94 2.47 -4.24 -15.55
N ASP A 95 1.32 -3.62 -15.21
CA ASP A 95 0.08 -4.32 -15.07
C ASP A 95 -0.94 -3.45 -15.79
N VAL A 96 -0.91 -3.53 -17.13
CA VAL A 96 -1.69 -2.56 -17.89
C VAL A 96 -3.14 -2.95 -18.13
N SER A 97 -3.57 -4.06 -17.61
CA SER A 97 -4.97 -4.45 -17.68
C SER A 97 -5.59 -4.56 -16.28
N ALA A 98 -4.97 -3.92 -15.27
CA ALA A 98 -5.51 -4.02 -13.91
C ALA A 98 -6.91 -3.49 -13.78
N HIS A 99 -7.23 -2.53 -14.60
CA HIS A 99 -8.56 -1.91 -14.51
C HIS A 99 -9.69 -2.82 -15.01
N GLN A 100 -9.36 -4.02 -15.40
CA GLN A 100 -10.41 -4.97 -15.62
C GLN A 100 -11.20 -5.22 -14.36
N PHE A 101 -10.63 -4.96 -13.18
CA PHE A 101 -11.32 -5.22 -11.91
C PHE A 101 -12.16 -4.04 -11.39
N GLU A 102 -12.06 -2.92 -12.08
CA GLU A 102 -12.68 -1.66 -11.65
C GLU A 102 -14.15 -1.83 -11.35
N ASN A 103 -14.87 -2.41 -12.29
CA ASN A 103 -16.33 -2.65 -12.14
C ASN A 103 -16.61 -4.08 -11.78
N ARG A 104 -15.72 -4.62 -10.95
CA ARG A 104 -15.81 -5.99 -10.48
C ARG A 104 -15.32 -6.16 -9.09
N GLY A 105 -15.53 -5.19 -8.21
CA GLY A 105 -15.18 -5.35 -6.80
C GLY A 105 -13.95 -4.58 -6.39
N MET A 106 -13.21 -4.04 -7.35
CA MET A 106 -11.96 -3.39 -7.01
C MET A 106 -11.88 -2.09 -7.73
N SER A 107 -12.74 -1.17 -7.29
CA SER A 107 -12.96 0.11 -7.98
C SER A 107 -11.76 1.05 -7.88
N ASN A 108 -10.93 0.88 -6.85
CA ASN A 108 -9.68 1.57 -6.77
C ASN A 108 -8.70 1.22 -7.93
N LEU A 109 -8.93 0.11 -8.63
CA LEU A 109 -8.12 -0.24 -9.79
C LEU A 109 -8.75 0.33 -11.06
N ASN A 110 -8.50 1.62 -11.31
CA ASN A 110 -9.21 2.42 -12.30
C ASN A 110 -8.38 2.83 -13.50
N GLY A 111 -7.13 2.42 -13.59
CA GLY A 111 -6.40 2.49 -14.87
C GLY A 111 -5.25 1.53 -14.94
N PRO A 112 -4.54 1.50 -16.08
CA PRO A 112 -3.32 0.70 -16.20
C PRO A 112 -2.27 1.16 -15.17
N LEU A 113 -1.46 0.20 -14.68
CA LEU A 113 -0.53 0.44 -13.60
C LEU A 113 0.85 0.23 -14.12
N ILE A 114 1.73 1.17 -13.86
CA ILE A 114 3.15 0.91 -14.01
C ILE A 114 3.73 1.45 -12.71
N LEU A 115 4.05 0.54 -11.79
CA LEU A 115 4.43 0.90 -10.46
C LEU A 115 5.64 0.18 -9.99
N SER A 116 6.22 0.68 -8.88
CA SER A 116 7.31 0.00 -8.21
C SER A 116 6.74 -1.31 -7.68
N ALA A 117 7.56 -2.32 -7.40
CA ALA A 117 7.00 -3.58 -6.81
C ALA A 117 6.17 -3.28 -5.57
N ASP A 118 6.69 -2.43 -4.70
CA ASP A 118 5.98 -2.20 -3.44
C ASP A 118 4.72 -1.39 -3.67
N GLU A 119 4.79 -0.41 -4.53
CA GLU A 119 3.59 0.35 -4.90
C GLU A 119 2.52 -0.57 -5.49
N TRP A 120 2.92 -1.57 -6.28
CA TRP A 120 1.97 -2.42 -6.94
C TRP A 120 1.25 -3.24 -5.84
N VAL A 121 2.04 -3.74 -4.89
CA VAL A 121 1.47 -4.48 -3.76
C VAL A 121 0.45 -3.63 -3.03
N CYS A 122 0.80 -2.38 -2.73
CA CYS A 122 -0.11 -1.51 -1.94
C CYS A 122 -1.41 -1.30 -2.68
N LYS A 123 -1.32 -1.08 -3.99
CA LYS A 123 -2.46 -0.84 -4.83
C LYS A 123 -3.45 -1.98 -4.73
N TYR A 124 -2.96 -3.19 -4.88
CA TYR A 124 -3.81 -4.34 -4.75
C TYR A 124 -4.29 -4.57 -3.34
N ARG A 125 -3.40 -4.40 -2.35
CA ARG A 125 -3.73 -4.69 -0.96
C ARG A 125 -4.88 -3.80 -0.52
N MET A 126 -4.77 -2.53 -0.89
CA MET A 126 -5.72 -1.58 -0.37
C MET A 126 -7.02 -1.48 -1.22
N ALA A 127 -7.14 -2.29 -2.28
CA ALA A 127 -8.24 -2.24 -3.19
C ALA A 127 -9.32 -3.22 -2.73
N THR A 128 -9.01 -4.10 -1.80
CA THR A 128 -9.99 -5.03 -1.30
C THR A 128 -9.83 -5.23 0.20
N ARG A 129 -10.96 -5.48 0.84
CA ARG A 129 -11.04 -5.60 2.26
C ARG A 129 -10.94 -7.08 2.54
N ARG A 130 -11.53 -7.94 1.73
CA ARG A 130 -11.59 -9.32 2.09
C ARG A 130 -11.27 -10.34 1.00
N LYS A 131 -10.72 -9.94 -0.13
CA LYS A 131 -10.26 -10.97 -1.08
C LYS A 131 -8.82 -11.39 -0.69
N LEU A 132 -8.56 -12.69 -0.83
CA LEU A 132 -7.26 -13.28 -0.76
C LEU A 132 -6.54 -13.14 -2.10
N ILE A 133 -5.37 -12.52 -2.08
CA ILE A 133 -4.62 -12.21 -3.30
C ILE A 133 -3.19 -12.66 -3.10
N TYR A 134 -2.74 -13.45 -4.06
CA TYR A 134 -1.41 -13.96 -3.98
C TYR A 134 -0.93 -14.23 -5.37
N TYR A 135 0.38 -14.25 -5.49
CA TYR A 135 1.02 -14.37 -6.78
C TYR A 135 2.31 -15.14 -6.72
N THR A 136 2.82 -15.45 -7.91
CA THR A 136 4.15 -16.04 -8.08
C THR A 136 4.69 -15.51 -9.36
N ASP A 137 6.00 -15.27 -9.36
CA ASP A 137 6.69 -14.78 -10.52
C ASP A 137 7.42 -15.91 -11.25
N PHE A 138 7.35 -15.94 -12.55
CA PHE A 138 7.94 -16.99 -13.31
C PHE A 138 8.86 -16.42 -14.40
N SER A 139 9.87 -17.19 -14.80
CA SER A 139 10.75 -16.74 -15.88
C SER A 139 10.04 -16.92 -17.22
N ASN A 140 9.08 -17.82 -17.27
CA ASN A 140 8.43 -18.16 -18.49
C ASN A 140 6.96 -17.79 -18.46
N SER A 141 6.50 -17.04 -19.45
CA SER A 141 5.08 -16.68 -19.49
C SER A 141 4.05 -17.82 -19.57
N SER A 142 4.35 -18.88 -20.35
CA SER A 142 3.38 -19.92 -20.51
C SER A 142 3.34 -20.78 -19.24
N ILE A 143 4.46 -20.86 -18.53
CA ILE A 143 4.44 -21.57 -17.25
C ILE A 143 3.50 -20.79 -16.25
N ALA A 144 3.66 -19.47 -16.22
CA ALA A 144 2.78 -18.59 -15.42
C ALA A 144 1.30 -18.80 -15.74
N ALA A 145 0.95 -18.86 -17.04
CA ALA A 145 -0.45 -19.00 -17.47
C ALA A 145 -1.00 -20.34 -16.98
N ASN A 146 -0.11 -21.33 -16.97
CA ASN A 146 -0.50 -22.69 -16.55
C ASN A 146 -0.67 -22.83 -15.06
N ALA A 147 0.28 -22.24 -14.35
CA ALA A 147 0.25 -22.26 -12.92
C ALA A 147 -0.95 -21.56 -12.39
N TYR A 148 -1.38 -20.47 -13.04
CA TYR A 148 -2.47 -19.66 -12.50
C TYR A 148 -3.61 -19.71 -13.52
N ASP A 149 -4.01 -20.92 -13.86
CA ASP A 149 -5.05 -21.09 -14.84
C ASP A 149 -6.44 -20.86 -14.25
N ALA A 150 -7.45 -20.93 -15.11
CA ALA A 150 -8.81 -20.65 -14.74
C ALA A 150 -9.60 -21.95 -14.75
N LEU A 151 -9.00 -23.00 -14.26
CA LEU A 151 -9.69 -24.25 -14.23
C LEU A 151 -10.09 -24.43 -12.80
N PRO A 152 -11.11 -25.26 -12.57
CA PRO A 152 -11.57 -25.64 -11.24
C PRO A 152 -10.43 -26.01 -10.33
N ARG A 153 -10.51 -25.59 -9.08
CA ARG A 153 -9.40 -25.78 -8.19
C ARG A 153 -9.88 -25.50 -6.81
N GLU A 154 -9.41 -26.29 -5.85
CA GLU A 154 -9.80 -26.13 -4.44
C GLU A 154 -8.69 -25.44 -3.67
N LEU A 155 -9.06 -24.45 -2.86
CA LEU A 155 -8.07 -23.60 -2.22
C LEU A 155 -7.32 -24.49 -1.29
N GLU A 156 -8.09 -25.36 -0.63
CA GLU A 156 -7.62 -26.27 0.42
C GLU A 156 -6.46 -27.18 0.01
N SER A 157 -6.40 -27.51 -1.26
CA SER A 157 -5.31 -28.35 -1.81
C SER A 157 -4.23 -27.54 -2.50
N GLU A 158 -4.28 -26.22 -2.48
CA GLU A 158 -3.18 -25.42 -3.01
C GLU A 158 -1.98 -25.45 -2.07
N SER A 159 -0.81 -25.69 -2.63
CA SER A 159 0.42 -25.49 -1.88
C SER A 159 0.66 -23.98 -1.79
N MET A 160 1.05 -23.51 -0.63
CA MET A 160 1.35 -22.09 -0.44
C MET A 160 2.85 -21.83 -0.68
N ALA A 161 3.64 -22.89 -0.91
CA ALA A 161 5.05 -22.74 -1.22
C ALA A 161 5.14 -21.97 -2.49
N GLY A 162 5.97 -20.95 -2.51
CA GLY A 162 6.16 -20.11 -3.67
C GLY A 162 5.04 -19.10 -3.95
N LYS A 163 4.01 -19.08 -3.15
CA LYS A 163 3.01 -18.01 -3.25
C LYS A 163 3.44 -16.78 -2.38
N VAL A 164 3.17 -15.62 -2.87
CA VAL A 164 3.52 -14.41 -2.19
C VAL A 164 2.22 -13.66 -1.97
N PHE A 165 1.93 -13.33 -0.71
CA PHE A 165 0.59 -12.84 -0.31
C PHE A 165 0.47 -11.34 -0.29
N VAL A 166 -0.30 -10.83 -1.23
CA VAL A 166 -0.63 -9.42 -1.24
C VAL A 166 -1.60 -9.15 -0.12
N THR A 167 -2.57 -10.04 0.08
CA THR A 167 -3.48 -9.99 1.23
C THR A 167 -3.48 -11.30 1.93
N SER A 168 -3.98 -11.31 3.15
CA SER A 168 -4.17 -12.51 3.89
C SER A 168 -5.24 -12.22 4.87
N PRO A 169 -6.46 -12.20 4.38
CA PRO A 169 -7.56 -11.76 5.19
C PRO A 169 -7.87 -12.71 6.32
N ARG A 170 -8.56 -12.15 7.30
CA ARG A 170 -8.91 -12.85 8.54
C ARG A 170 -9.45 -14.28 8.29
N TRP A 171 -10.45 -14.35 7.42
CA TRP A 171 -11.08 -15.63 7.00
C TRP A 171 -10.12 -16.69 6.41
N PHE A 172 -9.11 -16.22 5.69
CA PHE A 172 -8.14 -17.14 5.14
C PHE A 172 -7.23 -17.65 6.25
N ASN A 173 -6.89 -16.78 7.21
CA ASN A 173 -6.03 -17.17 8.34
C ASN A 173 -6.70 -18.26 9.17
N THR A 174 -8.00 -18.09 9.37
CA THR A 174 -8.87 -19.10 9.96
C THR A 174 -8.93 -20.40 9.17
N PHE A 175 -9.15 -20.25 7.87
CA PHE A 175 -9.24 -21.39 6.98
C PHE A 175 -7.99 -22.22 7.10
N LYS A 176 -6.84 -21.57 7.22
CA LYS A 176 -5.60 -22.27 7.37
C LYS A 176 -5.60 -23.23 8.57
N LYS A 177 -6.71 -23.28 9.33
CA LYS A 177 -6.97 -24.22 10.47
C LYS A 177 -6.23 -23.70 11.67
N THR B 9 -9.98 4.62 -0.84
CA THR B 9 -9.41 3.31 -0.33
C THR B 9 -9.77 3.11 1.18
N TYR B 10 -9.79 1.87 1.71
CA TYR B 10 -10.40 1.62 3.04
C TYR B 10 -9.55 2.10 4.22
N ASN B 11 -10.21 2.43 5.32
CA ASN B 11 -9.53 3.12 6.46
C ASN B 11 -9.40 2.28 7.69
N LEU B 12 -10.22 1.26 7.75
CA LEU B 12 -10.34 0.39 8.87
C LEU B 12 -10.09 -1.02 8.41
N THR B 13 -9.15 -1.69 9.05
CA THR B 13 -8.82 -3.09 8.74
C THR B 13 -9.99 -4.02 9.20
N SER B 14 -10.09 -5.22 8.62
CA SER B 14 -10.95 -6.32 9.13
C SER B 14 -10.06 -7.40 9.70
N ASP B 15 -8.75 -7.16 9.76
CA ASP B 15 -7.88 -8.08 10.52
C ASP B 15 -8.32 -8.11 11.98
N ILE B 16 -8.67 -6.93 12.50
CA ILE B 16 -9.25 -6.76 13.86
C ILE B 16 -10.53 -6.04 13.65
N ASP B 17 -11.36 -5.99 14.67
CA ASP B 17 -12.58 -5.19 14.55
C ASP B 17 -12.42 -3.64 14.75
N ALA B 18 -11.75 -3.04 13.79
CA ALA B 18 -11.48 -1.61 13.76
C ALA B 18 -12.73 -0.75 13.72
N ALA B 19 -13.75 -1.21 12.96
CA ALA B 19 -15.07 -0.56 12.91
C ALA B 19 -15.68 -0.32 14.32
N ALA B 20 -15.69 -1.36 15.12
CA ALA B 20 -16.17 -1.31 16.49
C ALA B 20 -15.22 -0.52 17.39
N TYR B 21 -13.89 -0.64 17.16
CA TYR B 21 -12.92 0.14 17.99
C TYR B 21 -13.15 1.61 17.75
N LEU B 22 -13.46 1.94 16.51
CA LEU B 22 -13.60 3.34 16.14
C LEU B 22 -14.87 3.90 16.81
N GLU B 23 -15.90 3.08 16.82
CA GLU B 23 -17.13 3.46 17.52
C GLU B 23 -16.87 3.81 18.94
N GLU B 24 -16.18 2.92 19.64
CA GLU B 24 -15.81 3.15 21.00
C GLU B 24 -14.97 4.41 21.23
N LEU B 25 -13.94 4.58 20.39
CA LEU B 25 -13.06 5.77 20.50
C LEU B 25 -13.83 7.09 20.36
N LYS B 26 -14.77 7.11 19.42
CA LYS B 26 -15.60 8.28 19.26
C LYS B 26 -16.44 8.59 20.50
N GLN B 27 -16.59 7.66 21.43
CA GLN B 27 -17.36 7.99 22.66
C GLN B 27 -16.51 8.72 23.70
N ASN B 28 -15.19 8.84 23.42
CA ASN B 28 -14.30 9.71 24.19
C ASN B 28 -14.27 11.06 23.50
N PRO B 29 -14.82 12.10 24.16
CA PRO B 29 -14.91 13.42 23.52
C PRO B 29 -13.55 14.10 23.23
N ILE B 30 -12.48 13.72 23.92
CA ILE B 30 -11.17 14.27 23.58
C ILE B 30 -10.81 13.77 22.13
N ILE B 31 -11.04 12.46 21.92
CA ILE B 31 -10.75 11.79 20.66
C ILE B 31 -11.75 12.26 19.63
N ASN B 32 -13.04 12.18 19.93
CA ASN B 32 -14.02 12.54 18.95
C ASN B 32 -13.92 13.97 18.45
N ASN B 33 -13.62 14.88 19.36
CA ASN B 33 -13.32 16.21 18.97
C ASN B 33 -12.34 16.28 17.79
N LYS B 34 -11.29 15.49 17.85
CA LYS B 34 -10.34 15.50 16.74
C LYS B 34 -10.80 14.74 15.54
N ILE B 35 -11.52 13.65 15.74
CA ILE B 35 -12.02 12.91 14.60
C ILE B 35 -12.95 13.78 13.77
N MET B 36 -13.65 14.72 14.43
CA MET B 36 -14.54 15.66 13.72
C MET B 36 -13.79 16.89 13.18
N ASN B 37 -12.81 17.34 13.91
CA ASN B 37 -12.04 18.48 13.54
C ASN B 37 -10.56 18.15 13.79
N PRO B 38 -9.94 17.39 12.85
CA PRO B 38 -8.61 16.79 13.04
C PRO B 38 -7.42 17.73 13.05
N VAL B 39 -7.63 19.04 12.87
CA VAL B 39 -6.48 19.97 12.91
C VAL B 39 -5.93 20.27 14.32
N GLY B 40 -4.59 20.25 14.45
CA GLY B 40 -3.89 20.59 15.69
C GLY B 40 -3.97 19.50 16.74
N CYS B 42 -2.78 17.11 17.80
CA CYS B 42 -2.59 15.78 17.31
C CYS B 42 -1.93 15.00 18.42
N GLU B 43 -0.83 15.54 18.95
CA GLU B 43 -0.09 14.90 20.04
C GLU B 43 -0.95 14.45 21.20
N SER B 44 -1.92 15.30 21.56
CA SER B 44 -2.77 15.08 22.72
C SER B 44 -3.58 13.80 22.58
N LEU B 45 -3.73 13.26 21.36
CA LEU B 45 -4.39 11.97 21.16
C LEU B 45 -3.60 10.78 21.61
N MET B 46 -2.29 10.87 21.67
CA MET B 46 -1.52 9.65 21.87
C MET B 46 -1.97 8.97 23.15
N THR B 47 -2.16 9.76 24.20
CA THR B 47 -2.45 9.21 25.50
C THR B 47 -3.80 8.52 25.54
N PRO B 48 -4.88 9.21 25.18
CA PRO B 48 -6.15 8.51 25.27
C PRO B 48 -6.21 7.30 24.29
N VAL B 49 -5.57 7.42 23.12
CA VAL B 49 -5.60 6.29 22.18
C VAL B 49 -4.83 5.10 22.78
N SER B 50 -3.65 5.36 23.29
CA SER B 50 -2.82 4.38 23.98
C SER B 50 -3.62 3.64 25.08
N ASN B 51 -4.24 4.43 25.96
CA ASN B 51 -5.05 3.87 27.06
C ASN B 51 -6.14 2.97 26.58
N PHE B 52 -6.87 3.45 25.59
CA PHE B 52 -7.85 2.63 24.91
C PHE B 52 -7.30 1.27 24.48
N MET B 53 -6.20 1.34 23.73
CA MET B 53 -5.57 0.13 23.23
C MET B 53 -5.15 -0.84 24.32
N ASN B 54 -4.63 -0.28 25.41
CA ASN B 54 -4.21 -1.06 26.52
C ASN B 54 -5.44 -1.79 27.13
N GLU B 55 -6.58 -1.11 27.20
CA GLU B 55 -7.75 -1.74 27.75
C GLU B 55 -8.31 -2.85 26.83
N LYS B 56 -8.10 -2.70 25.54
CA LYS B 56 -8.57 -3.66 24.57
C LYS B 56 -7.64 -4.85 24.40
N GLY B 57 -6.51 -4.84 25.08
CA GLY B 57 -5.62 -5.96 25.09
C GLY B 57 -4.44 -5.85 24.07
N PHE B 58 -4.20 -4.68 23.49
CA PHE B 58 -3.00 -4.54 22.63
C PHE B 58 -1.84 -4.42 23.55
N ASP B 59 -0.69 -4.90 23.12
CA ASP B 59 0.50 -4.69 23.87
C ASP B 59 1.69 -4.25 22.99
N ASN B 60 2.81 -4.08 23.66
CA ASN B 60 3.96 -3.41 23.11
C ASN B 60 3.50 -2.15 22.38
N ILE B 61 2.89 -1.23 23.15
CA ILE B 61 2.31 -0.06 22.59
C ILE B 61 3.48 0.91 22.35
N ARG B 62 3.52 1.49 21.17
CA ARG B 62 4.55 2.45 20.81
C ARG B 62 3.90 3.67 20.25
N TYR B 63 4.65 4.75 20.29
CA TYR B 63 4.22 6.01 19.76
C TYR B 63 5.07 6.30 18.53
N ARG B 64 4.39 6.52 17.41
CA ARG B 64 5.00 6.74 16.14
C ARG B 64 5.04 8.22 15.82
N GLY B 65 6.26 8.81 15.78
CA GLY B 65 6.42 10.18 15.32
C GLY B 65 6.77 10.13 13.86
N ILE B 66 6.08 11.00 13.11
CA ILE B 66 6.15 11.04 11.69
C ILE B 66 6.50 12.48 11.24
N PHE B 67 7.41 12.58 10.27
CA PHE B 67 7.59 13.81 9.52
C PHE B 67 7.16 13.68 8.07
N ILE B 68 6.51 14.72 7.56
CA ILE B 68 6.16 14.82 6.13
C ILE B 68 6.88 16.03 5.50
N TRP B 69 7.79 15.77 4.58
CA TRP B 69 8.57 16.87 3.98
C TRP B 69 8.10 17.07 2.54
N ASP B 70 7.68 18.30 2.20
CA ASP B 70 7.24 18.65 0.84
C ASP B 70 8.41 18.94 -0.06
N LYS B 71 9.36 19.70 0.45
CA LYS B 71 10.57 20.02 -0.29
C LYS B 71 11.77 20.00 0.61
N PRO B 72 12.97 19.77 0.03
CA PRO B 72 14.27 19.78 0.68
C PRO B 72 14.52 21.02 1.52
N THR B 73 14.12 22.16 0.96
CA THR B 73 14.40 23.47 1.56
C THR B 73 13.32 23.96 2.54
N GLU B 74 12.17 23.26 2.61
CA GLU B 74 11.14 23.46 3.67
C GLU B 74 11.72 23.69 5.07
N GLU B 75 11.15 24.65 5.77
CA GLU B 75 11.77 25.12 7.02
C GLU B 75 11.38 24.29 8.19
N ILE B 76 10.07 24.09 8.30
CA ILE B 76 9.56 23.19 9.32
C ILE B 76 8.79 22.04 8.67
N PRO B 77 9.24 20.78 8.89
CA PRO B 77 8.44 19.71 8.28
C PRO B 77 7.11 19.55 8.96
N THR B 78 6.20 18.83 8.36
CA THR B 78 4.94 18.59 9.01
C THR B 78 5.16 17.39 9.91
N ASN B 79 4.76 17.49 11.19
CA ASN B 79 4.78 16.33 12.05
C ASN B 79 3.36 15.63 12.14
N HIS B 80 3.36 14.44 12.70
CA HIS B 80 2.14 13.69 12.90
C HIS B 80 2.49 12.51 13.85
N PHE B 81 1.47 12.02 14.55
CA PHE B 81 1.61 10.94 15.51
C PHE B 81 0.53 9.88 15.31
N ALA B 82 0.93 8.65 15.60
CA ALA B 82 0.04 7.49 15.55
C ALA B 82 0.48 6.58 16.70
N VAL B 83 -0.36 5.64 17.09
CA VAL B 83 -0.03 4.73 18.14
C VAL B 83 -0.05 3.36 17.53
N VAL B 84 0.91 2.55 17.90
CA VAL B 84 1.11 1.19 17.33
C VAL B 84 0.99 0.20 18.45
N GLY B 85 0.38 -0.95 18.19
CA GLY B 85 0.22 -1.96 19.20
C GLY B 85 0.11 -3.34 18.58
N ASN B 86 0.57 -4.33 19.31
CA ASN B 86 0.51 -5.71 18.86
C ASN B 86 -0.72 -6.44 19.41
N LYS B 87 -1.38 -7.23 18.54
CA LYS B 87 -2.56 -8.05 18.84
C LYS B 87 -2.36 -9.33 18.04
N GLU B 88 -2.21 -10.40 18.80
CA GLU B 88 -1.91 -11.75 18.29
C GLU B 88 -0.74 -11.78 17.34
N GLY B 89 0.33 -11.16 17.80
CA GLY B 89 1.57 -11.22 17.08
C GLY B 89 1.67 -10.21 15.97
N LYS B 90 0.61 -9.50 15.61
CA LYS B 90 0.69 -8.54 14.52
C LYS B 90 0.46 -7.10 14.95
N ASP B 91 1.24 -6.20 14.32
CA ASP B 91 1.16 -4.78 14.58
C ASP B 91 0.03 -4.07 13.88
N TYR B 92 -0.62 -3.20 14.66
CA TYR B 92 -1.71 -2.34 14.19
C TYR B 92 -1.43 -0.88 14.55
N VAL B 93 -1.91 0.03 13.72
CA VAL B 93 -1.65 1.48 13.83
C VAL B 93 -2.98 2.17 13.96
N PHE B 94 -3.17 2.84 15.09
CA PHE B 94 -4.31 3.71 15.27
C PHE B 94 -3.84 5.10 14.98
N ASP B 95 -4.41 5.71 13.96
CA ASP B 95 -4.00 7.03 13.50
C ASP B 95 -5.34 7.74 13.25
N VAL B 96 -5.99 8.14 14.35
CA VAL B 96 -7.34 8.65 14.21
C VAL B 96 -7.44 10.10 13.73
N SER B 97 -6.33 10.75 13.48
CA SER B 97 -6.37 12.10 12.99
C SER B 97 -5.64 12.20 11.66
N ALA B 98 -5.47 11.06 10.97
CA ALA B 98 -4.76 11.04 9.66
C ALA B 98 -5.39 12.01 8.67
N HIS B 99 -6.69 12.16 8.79
CA HIS B 99 -7.47 12.94 7.83
C HIS B 99 -7.35 14.47 7.97
N GLN B 100 -6.50 14.97 8.87
CA GLN B 100 -6.11 16.36 8.80
C GLN B 100 -5.33 16.62 7.52
N PHE B 101 -4.81 15.56 6.88
CA PHE B 101 -4.12 15.72 5.59
C PHE B 101 -5.01 15.68 4.35
N GLU B 102 -6.30 15.44 4.54
CA GLU B 102 -7.26 15.23 3.43
C GLU B 102 -7.27 16.40 2.47
N ASN B 103 -7.23 17.61 3.02
CA ASN B 103 -7.15 18.81 2.19
C ASN B 103 -5.75 19.40 2.14
N ARG B 104 -4.72 18.66 2.55
CA ARG B 104 -3.35 19.14 2.39
C ARG B 104 -2.50 18.34 1.42
N GLY B 105 -3.13 17.79 0.38
CA GLY B 105 -2.41 17.07 -0.70
C GLY B 105 -2.37 15.56 -0.51
N MET B 106 -3.27 15.03 0.31
CA MET B 106 -3.27 13.64 0.65
C MET B 106 -4.73 13.30 0.89
N SER B 107 -5.50 13.49 -0.17
CA SER B 107 -6.94 13.40 -0.14
C SER B 107 -7.40 11.96 0.10
N ASN B 108 -6.55 11.01 -0.21
CA ASN B 108 -6.79 9.61 0.16
C ASN B 108 -6.87 9.36 1.67
N LEU B 109 -6.34 10.30 2.45
CA LEU B 109 -6.46 10.24 3.90
C LEU B 109 -7.72 11.03 4.30
N ASN B 110 -8.85 10.33 4.23
CA ASN B 110 -10.15 10.94 4.32
C ASN B 110 -10.92 10.57 5.57
N GLY B 111 -10.36 9.75 6.45
CA GLY B 111 -10.92 9.62 7.75
C GLY B 111 -9.93 8.98 8.66
N PRO B 112 -10.33 8.71 9.91
CA PRO B 112 -9.41 8.07 10.83
C PRO B 112 -9.03 6.72 10.36
N LEU B 113 -7.78 6.36 10.66
CA LEU B 113 -7.27 5.06 10.32
C LEU B 113 -7.07 4.16 11.49
N ILE B 114 -7.50 2.93 11.32
CA ILE B 114 -7.07 1.83 12.22
C ILE B 114 -6.70 0.70 11.31
N LEU B 115 -5.41 0.46 11.13
CA LEU B 115 -4.96 -0.43 10.08
C LEU B 115 -3.86 -1.36 10.64
N SER B 116 -3.68 -2.52 10.01
CA SER B 116 -2.41 -3.28 10.15
C SER B 116 -1.19 -2.38 9.76
N ALA B 117 -0.02 -2.71 10.27
CA ALA B 117 1.16 -1.91 10.03
C ALA B 117 1.39 -1.82 8.52
N ASP B 118 1.25 -2.95 7.82
CA ASP B 118 1.44 -2.92 6.38
C ASP B 118 0.39 -2.03 5.68
N GLU B 119 -0.86 -2.14 6.06
CA GLU B 119 -1.87 -1.33 5.41
C GLU B 119 -1.65 0.15 5.61
N TRP B 120 -1.14 0.50 6.77
CA TRP B 120 -0.94 1.90 7.15
C TRP B 120 0.14 2.47 6.28
N VAL B 121 1.22 1.73 6.11
CA VAL B 121 2.28 2.23 5.28
C VAL B 121 1.74 2.43 3.85
N CYS B 122 0.94 1.47 3.37
CA CYS B 122 0.40 1.57 2.02
C CYS B 122 -0.52 2.77 1.87
N LYS B 123 -1.34 3.00 2.90
CA LYS B 123 -2.23 4.13 2.91
C LYS B 123 -1.44 5.45 2.70
N TYR B 124 -0.42 5.71 3.51
CA TYR B 124 0.42 6.91 3.33
C TYR B 124 1.23 6.92 2.02
N ARG B 125 1.88 5.80 1.69
CA ARG B 125 2.70 5.70 0.47
C ARG B 125 1.95 6.07 -0.77
N MET B 126 0.75 5.54 -0.86
CA MET B 126 -0.08 5.73 -2.04
C MET B 126 -0.88 7.04 -2.03
N ALA B 127 -0.82 7.81 -0.95
CA ALA B 127 -1.56 9.09 -0.82
C ALA B 127 -0.78 10.22 -1.50
N THR B 128 0.49 9.97 -1.72
CA THR B 128 1.35 11.03 -2.25
C THR B 128 2.52 10.45 -3.03
N ARG B 129 2.94 11.20 -4.01
CA ARG B 129 4.10 10.92 -4.84
C ARG B 129 5.25 11.87 -4.55
N ARG B 130 4.96 13.08 -4.09
CA ARG B 130 6.02 14.07 -3.92
C ARG B 130 6.53 14.25 -2.49
N LYS B 131 5.73 13.82 -1.52
CA LYS B 131 6.10 14.09 -0.13
C LYS B 131 7.02 12.97 0.39
N LEU B 132 8.04 13.36 1.14
CA LEU B 132 8.89 12.43 1.84
C LEU B 132 8.30 12.21 3.23
N ILE B 133 8.09 10.96 3.59
CA ILE B 133 7.40 10.59 4.85
C ILE B 133 8.20 9.55 5.53
N TYR B 134 8.64 9.86 6.75
CA TYR B 134 9.34 8.80 7.50
C TYR B 134 8.95 8.89 8.97
N TYR B 135 9.20 7.81 9.69
CA TYR B 135 8.86 7.73 11.07
C TYR B 135 9.87 7.03 11.92
N THR B 136 9.64 7.19 13.22
CA THR B 136 10.32 6.43 14.25
C THR B 136 9.23 6.04 15.29
N ASP B 137 9.29 4.80 15.75
CA ASP B 137 8.52 4.36 16.93
C ASP B 137 9.23 4.49 18.28
N PHE B 138 8.50 4.97 19.28
CA PHE B 138 9.11 5.19 20.59
C PHE B 138 8.28 4.45 21.65
N SER B 139 8.95 4.13 22.77
CA SER B 139 8.25 3.59 23.94
C SER B 139 7.49 4.64 24.72
N ASN B 140 7.81 5.92 24.50
CA ASN B 140 7.24 6.99 25.34
C ASN B 140 6.73 8.12 24.44
N SER B 141 5.52 8.62 24.69
CA SER B 141 4.89 9.57 23.78
C SER B 141 5.53 10.96 23.84
N SER B 142 6.08 11.33 24.96
CA SER B 142 6.72 12.65 24.98
C SER B 142 8.13 12.62 24.31
N ILE B 143 8.84 11.51 24.36
CA ILE B 143 10.03 11.31 23.52
C ILE B 143 9.68 11.42 22.03
N ALA B 144 8.59 10.77 21.60
CA ALA B 144 8.10 10.93 20.23
C ALA B 144 7.88 12.39 19.84
N ALA B 145 7.16 13.09 20.71
CA ALA B 145 6.81 14.54 20.47
C ALA B 145 8.09 15.39 20.45
N ASN B 146 9.09 15.04 21.24
CA ASN B 146 10.36 15.81 21.24
C ASN B 146 11.14 15.59 19.93
N ALA B 147 11.29 14.32 19.55
CA ALA B 147 12.07 13.92 18.36
C ALA B 147 11.43 14.40 17.05
N TYR B 148 10.08 14.53 17.03
CA TYR B 148 9.36 14.90 15.83
C TYR B 148 8.62 16.20 16.10
N ASP B 149 9.37 17.19 16.60
CA ASP B 149 8.71 18.40 17.04
C ASP B 149 8.44 19.31 15.87
N ALA B 150 7.76 20.40 16.11
CA ALA B 150 7.37 21.27 15.04
C ALA B 150 8.30 22.50 15.03
N LEU B 151 9.60 22.32 15.28
CA LEU B 151 10.55 23.46 15.24
C LEU B 151 11.41 23.43 13.98
N PRO B 152 12.01 24.58 13.59
CA PRO B 152 12.78 24.56 12.36
C PRO B 152 13.89 23.51 12.28
N ARG B 153 14.08 22.94 11.08
CA ARG B 153 14.93 21.78 10.98
C ARG B 153 15.42 21.67 9.55
N GLU B 154 16.67 21.34 9.40
CA GLU B 154 17.33 21.30 8.13
C GLU B 154 17.44 19.84 7.71
N LEU B 155 16.84 19.49 6.57
CA LEU B 155 16.74 18.09 6.15
C LEU B 155 18.13 17.49 5.94
N GLU B 156 19.03 18.33 5.40
CA GLU B 156 20.45 17.99 5.17
C GLU B 156 21.23 17.65 6.46
N SER B 157 20.77 18.19 7.58
CA SER B 157 21.43 17.98 8.86
C SER B 157 20.70 16.98 9.73
N GLU B 158 19.76 16.23 9.15
CA GLU B 158 19.01 15.26 9.94
C GLU B 158 19.62 13.88 9.88
N SER B 159 19.69 13.24 11.02
CA SER B 159 20.12 11.87 11.08
C SER B 159 19.01 10.90 10.63
N MET B 160 19.32 10.04 9.66
CA MET B 160 18.34 9.05 9.18
C MET B 160 18.45 7.76 9.95
N ALA B 161 19.31 7.79 10.98
CA ALA B 161 19.40 6.74 11.98
C ALA B 161 18.07 6.53 12.66
N GLY B 162 17.47 5.36 12.54
CA GLY B 162 16.20 5.11 13.23
C GLY B 162 14.97 5.63 12.48
N LYS B 163 15.20 6.26 11.33
CA LYS B 163 14.08 6.76 10.53
C LYS B 163 13.70 5.60 9.58
N VAL B 164 12.41 5.28 9.55
CA VAL B 164 11.83 4.31 8.64
C VAL B 164 11.06 5.07 7.56
N PHE B 165 11.45 4.83 6.31
CA PHE B 165 10.87 5.56 5.20
C PHE B 165 9.57 4.92 4.75
N VAL B 166 8.55 5.75 4.62
CA VAL B 166 7.26 5.31 4.07
C VAL B 166 7.28 5.58 2.56
N THR B 167 7.79 6.74 2.19
CA THR B 167 8.08 7.08 0.78
C THR B 167 9.53 7.52 0.69
N SER B 168 10.00 7.56 -0.55
CA SER B 168 11.24 8.22 -0.85
C SER B 168 11.10 8.92 -2.17
N PRO B 169 10.62 10.15 -2.18
CA PRO B 169 10.44 10.75 -3.48
C PRO B 169 11.80 10.90 -4.22
N ARG B 170 11.71 11.01 -5.55
CA ARG B 170 12.91 11.06 -6.39
C ARG B 170 13.76 12.25 -5.97
N TRP B 171 13.15 13.43 -5.81
CA TRP B 171 13.87 14.60 -5.29
C TRP B 171 14.67 14.25 -4.05
N PHE B 172 14.15 13.40 -3.18
CA PHE B 172 14.89 13.11 -1.98
C PHE B 172 16.12 12.28 -2.29
N ASN B 173 16.05 11.38 -3.25
CA ASN B 173 17.30 10.63 -3.56
C ASN B 173 18.32 11.57 -4.26
N THR B 174 17.86 12.34 -5.23
CA THR B 174 18.66 13.42 -5.78
C THR B 174 19.27 14.27 -4.66
N PHE B 175 18.45 14.66 -3.69
CA PHE B 175 18.90 15.52 -2.58
C PHE B 175 19.97 14.90 -1.73
N LYS B 176 19.79 13.64 -1.36
CA LYS B 176 20.81 12.98 -0.58
C LYS B 176 22.16 13.08 -1.31
N LYS B 177 22.12 12.79 -2.61
CA LYS B 177 23.25 12.92 -3.56
C LYS B 177 23.85 11.57 -3.78
#